data_2YI1
#
_entry.id   2YI1
#
_cell.length_a   90.700
_cell.length_b   90.700
_cell.length_c   101.490
_cell.angle_alpha   90.00
_cell.angle_beta   90.00
_cell.angle_gamma   90.00
#
_symmetry.space_group_name_H-M   'P 41 21 2'
#
loop_
_entity.id
_entity.type
_entity.pdbx_description
1 polymer 'BIFUNCTIONAL UDP-N-ACETYLGLUCOSAMINE 2-EPIMERASE/N-ACETYLMANNOSAMINE KINASE'
2 non-polymer 2-acetamido-2-deoxy-6-O-phosphono-alpha-D-mannopyranose
3 non-polymer 2-acetamido-2-deoxy-alpha-D-mannopyranose
4 non-polymer 'MAGNESIUM ION'
5 non-polymer 'CALCIUM ION'
6 non-polymer 'NONAETHYLENE GLYCOL'
7 non-polymer 'TETRAETHYLENE GLYCOL'
8 non-polymer 1,2-ETHANEDIOL
9 non-polymer 'ACETATE ION'
10 non-polymer "ADENOSINE-5'-DIPHOSPHATE"
11 non-polymer 'ZINC ION'
12 water water
#
_entity_poly.entity_id   1
_entity_poly.type   'polypeptide(L)'
_entity_poly.pdbx_seq_one_letter_code
;MGSSHHHHHHSSGLVPRGSHMENLYFQGTLSALAVDLGGTNLRVAIVSMKGEIVKKYTQFNPKTYEERINLILQMCVEAA
AEAVKLNCRILGVGISTGGRVNPREGIVLHSTKLIQEWNSVDLRTPLSDTLHLPVWVDNDGNCAALAERKFGQGKGLENF
VTLITGTGIGGGIIHQHELIHGSSFCAAELGHLVVSLDGPDCSCGSHGCIEAYASGMALQREAKKLHDEDLLLVEGMSVP
KDEAVGALHLIQAAKLGNAKAQSILRTAGTALGLGVVNILHTMNPSLVILSGVLASHYIHIVKDVIRQQALSSVQDVDVV
VSDLVDPALLGAASMVLDYTTRR
;
_entity_poly.pdbx_strand_id   A
#
# COMPACT_ATOMS: atom_id res chain seq x y z
N GLY A 28 2.47 -26.74 -16.66
CA GLY A 28 2.92 -26.77 -15.22
C GLY A 28 2.54 -25.45 -14.56
N THR A 29 3.01 -25.20 -13.32
CA THR A 29 2.37 -24.34 -12.31
C THR A 29 1.59 -23.12 -12.81
N LEU A 30 0.30 -23.11 -12.55
CA LEU A 30 -0.54 -21.97 -12.85
C LEU A 30 -0.14 -20.73 -12.03
N SER A 31 0.07 -19.62 -12.71
CA SER A 31 0.73 -18.40 -12.15
C SER A 31 0.16 -17.13 -12.71
N ALA A 32 0.44 -16.02 -12.04
CA ALA A 32 0.16 -14.67 -12.54
C ALA A 32 1.43 -13.88 -12.63
N LEU A 33 1.50 -13.00 -13.60
CA LEU A 33 2.47 -11.94 -13.52
C LEU A 33 1.87 -10.79 -12.66
N ALA A 34 2.62 -10.30 -11.68
CA ALA A 34 2.12 -9.19 -10.82
C ALA A 34 3.15 -8.09 -10.90
N VAL A 35 2.63 -6.85 -10.97
CA VAL A 35 3.40 -5.60 -11.01
C VAL A 35 2.90 -4.71 -9.91
N ASP A 36 3.83 -4.09 -9.17
CA ASP A 36 3.47 -3.11 -8.15
C ASP A 36 4.37 -1.88 -8.32
N LEU A 37 3.70 -0.74 -8.42
N LEU A 37 3.71 -0.75 -8.53
CA LEU A 37 4.30 0.53 -8.75
CA LEU A 37 4.34 0.56 -8.74
C LEU A 37 3.96 1.44 -7.57
C LEU A 37 3.96 1.39 -7.54
N GLY A 38 4.93 1.64 -6.68
CA GLY A 38 4.75 2.51 -5.56
C GLY A 38 5.44 3.84 -5.68
N GLY A 39 5.39 4.60 -4.58
CA GLY A 39 6.18 5.83 -4.53
C GLY A 39 7.70 5.72 -4.54
N THR A 40 8.24 4.53 -4.36
CA THR A 40 9.71 4.34 -4.47
C THR A 40 10.15 3.26 -5.47
N ASN A 41 9.51 2.11 -5.37
CA ASN A 41 9.92 0.90 -6.07
C ASN A 41 8.89 0.45 -7.13
N LEU A 42 9.42 -0.15 -8.21
CA LEU A 42 8.68 -0.88 -9.20
C LEU A 42 9.12 -2.38 -9.11
N ARG A 43 8.17 -3.27 -8.79
CA ARG A 43 8.44 -4.66 -8.67
C ARG A 43 7.58 -5.45 -9.60
N VAL A 44 8.15 -6.51 -10.09
CA VAL A 44 7.45 -7.46 -10.97
C VAL A 44 7.79 -8.87 -10.47
N ALA A 45 6.75 -9.68 -10.34
CA ALA A 45 6.86 -11.02 -9.75
C ALA A 45 6.03 -12.05 -10.50
N ILE A 46 6.51 -13.29 -10.44
CA ILE A 46 5.76 -14.46 -10.83
C ILE A 46 5.18 -15.02 -9.55
N VAL A 47 3.87 -15.09 -9.47
CA VAL A 47 3.21 -15.57 -8.30
C VAL A 47 2.34 -16.79 -8.63
N SER A 48 2.49 -17.88 -7.85
CA SER A 48 1.71 -19.12 -8.03
C SER A 48 0.26 -18.95 -7.59
N MET A 49 -0.58 -19.89 -8.02
N MET A 49 -0.60 -19.87 -8.02
CA MET A 49 -1.97 -20.03 -7.56
CA MET A 49 -2.00 -19.82 -7.63
C MET A 49 -2.09 -19.86 -6.09
C MET A 49 -2.15 -19.96 -6.10
N LYS A 50 -1.13 -20.43 -5.41
CA LYS A 50 -1.17 -20.51 -3.95
C LYS A 50 -0.60 -19.29 -3.22
N GLY A 51 -0.15 -18.26 -3.97
CA GLY A 51 0.31 -17.02 -3.36
C GLY A 51 1.77 -17.13 -2.94
N GLU A 52 2.51 -18.05 -3.54
CA GLU A 52 3.97 -18.09 -3.37
C GLU A 52 4.61 -17.18 -4.42
N ILE A 53 5.52 -16.31 -3.97
CA ILE A 53 6.28 -15.52 -4.92
C ILE A 53 7.44 -16.38 -5.38
N VAL A 54 7.38 -16.71 -6.68
CA VAL A 54 8.31 -17.63 -7.28
C VAL A 54 9.61 -16.88 -7.56
N LYS A 55 9.46 -15.67 -8.08
CA LYS A 55 10.63 -14.85 -8.38
C LYS A 55 10.18 -13.41 -8.41
N LYS A 56 11.00 -12.49 -7.88
CA LYS A 56 10.65 -11.06 -7.81
C LYS A 56 11.81 -10.19 -8.31
N TYR A 57 11.48 -9.25 -9.19
CA TYR A 57 12.44 -8.32 -9.78
C TYR A 57 12.12 -6.94 -9.20
N THR A 58 13.16 -6.16 -8.84
CA THR A 58 12.97 -4.88 -8.15
C THR A 58 13.84 -3.82 -8.82
N GLN A 59 13.23 -2.70 -9.14
CA GLN A 59 13.90 -1.51 -9.64
C GLN A 59 13.28 -0.30 -8.98
N PHE A 60 13.97 0.83 -9.00
CA PHE A 60 13.31 2.12 -8.59
C PHE A 60 12.21 2.49 -9.59
N ASN A 61 11.12 3.04 -9.11
CA ASN A 61 10.11 3.46 -10.05
C ASN A 61 10.63 4.70 -10.78
N PRO A 62 10.78 4.66 -12.12
CA PRO A 62 11.28 5.90 -12.74
C PRO A 62 10.37 7.15 -12.54
N LYS A 63 10.93 8.30 -12.84
CA LYS A 63 10.31 9.57 -12.48
C LYS A 63 9.56 10.11 -13.64
N THR A 64 9.78 9.58 -14.85
CA THR A 64 9.08 10.08 -15.99
C THR A 64 8.25 8.99 -16.64
N TYR A 65 7.25 9.37 -17.41
CA TYR A 65 6.32 8.42 -18.01
C TYR A 65 7.05 7.48 -18.99
N GLU A 66 7.89 8.05 -19.82
CA GLU A 66 8.47 7.27 -20.91
C GLU A 66 9.32 6.17 -20.31
N GLU A 67 10.10 6.50 -19.29
CA GLU A 67 10.99 5.52 -18.71
C GLU A 67 10.19 4.50 -17.90
N ARG A 68 9.12 4.96 -17.27
CA ARG A 68 8.32 4.06 -16.46
C ARG A 68 7.67 2.97 -17.31
N ILE A 69 6.99 3.37 -18.39
CA ILE A 69 6.26 2.45 -19.23
C ILE A 69 7.22 1.47 -19.92
N ASN A 70 8.39 1.96 -20.31
CA ASN A 70 9.39 1.10 -20.95
C ASN A 70 9.94 0.07 -19.99
N LEU A 71 10.18 0.49 -18.75
CA LEU A 71 10.74 -0.41 -17.73
C LEU A 71 9.71 -1.40 -17.32
N ILE A 72 8.47 -0.97 -17.09
CA ILE A 72 7.34 -1.96 -16.88
C ILE A 72 7.35 -3.03 -17.95
N LEU A 73 7.41 -2.62 -19.21
CA LEU A 73 7.38 -3.57 -20.30
C LEU A 73 8.59 -4.45 -20.35
N GLN A 74 9.79 -3.85 -20.19
N GLN A 74 9.78 -3.87 -20.21
CA GLN A 74 11.05 -4.60 -20.19
CA GLN A 74 11.00 -4.66 -20.20
C GLN A 74 11.08 -5.66 -19.08
C GLN A 74 10.90 -5.72 -19.11
N MET A 75 10.65 -5.28 -17.88
CA MET A 75 10.62 -6.20 -16.73
C MET A 75 9.52 -7.28 -16.89
N CYS A 76 8.38 -6.93 -17.50
CA CYS A 76 7.36 -7.93 -17.76
C CYS A 76 7.82 -8.99 -18.80
N VAL A 77 8.43 -8.54 -19.89
CA VAL A 77 8.88 -9.45 -20.94
C VAL A 77 9.92 -10.40 -20.35
N GLU A 78 10.87 -9.86 -19.58
CA GLU A 78 11.88 -10.67 -18.95
C GLU A 78 11.25 -11.70 -17.96
N ALA A 79 10.31 -11.27 -17.11
CA ALA A 79 9.65 -12.17 -16.17
C ALA A 79 8.90 -13.27 -16.92
N ALA A 80 8.28 -12.90 -18.05
CA ALA A 80 7.55 -13.89 -18.82
C ALA A 80 8.53 -14.93 -19.40
N ALA A 81 9.70 -14.50 -19.84
CA ALA A 81 10.69 -15.42 -20.40
C ALA A 81 11.23 -16.31 -19.28
N GLU A 82 11.39 -15.77 -18.07
CA GLU A 82 11.92 -16.60 -16.97
C GLU A 82 10.87 -17.59 -16.49
N ALA A 83 9.60 -17.18 -16.54
CA ALA A 83 8.51 -18.05 -16.12
C ALA A 83 8.55 -19.32 -16.94
N VAL A 84 8.76 -19.21 -18.25
CA VAL A 84 8.88 -20.43 -19.04
C VAL A 84 10.03 -21.33 -18.55
N LYS A 85 11.23 -20.76 -18.35
CA LYS A 85 12.36 -21.54 -17.83
C LYS A 85 12.04 -22.13 -16.43
N LEU A 86 11.18 -21.49 -15.64
CA LEU A 86 10.82 -21.99 -14.29
C LEU A 86 9.61 -22.93 -14.34
N ASN A 87 9.13 -23.19 -15.54
CA ASN A 87 7.94 -23.99 -15.73
C ASN A 87 6.67 -23.50 -15.06
N CYS A 88 6.47 -22.18 -15.10
CA CYS A 88 5.23 -21.55 -14.65
C CYS A 88 4.43 -21.13 -15.89
N ARG A 89 3.14 -21.38 -15.89
CA ARG A 89 2.28 -20.97 -16.97
C ARG A 89 1.58 -19.69 -16.56
N ILE A 90 1.95 -18.57 -17.16
CA ILE A 90 1.37 -17.27 -16.84
C ILE A 90 -0.04 -17.09 -17.45
N LEU A 91 -1.01 -16.76 -16.62
CA LEU A 91 -2.38 -16.65 -17.02
C LEU A 91 -2.85 -15.24 -17.31
N GLY A 92 -2.05 -14.25 -16.93
CA GLY A 92 -2.41 -12.85 -17.11
C GLY A 92 -1.49 -12.00 -16.26
N VAL A 93 -1.73 -10.69 -16.31
CA VAL A 93 -0.91 -9.72 -15.64
C VAL A 93 -1.86 -8.90 -14.82
N GLY A 94 -1.52 -8.75 -13.56
CA GLY A 94 -2.24 -7.87 -12.69
C GLY A 94 -1.29 -6.75 -12.26
N ILE A 95 -1.81 -5.54 -12.30
CA ILE A 95 -1.08 -4.36 -11.97
C ILE A 95 -1.66 -3.58 -10.78
N SER A 96 -0.83 -3.43 -9.76
CA SER A 96 -1.08 -2.58 -8.62
C SER A 96 -0.33 -1.30 -8.84
N THR A 97 -1.02 -0.16 -8.65
CA THR A 97 -0.41 1.13 -8.78
C THR A 97 -1.00 2.17 -7.83
N GLY A 98 -0.13 3.03 -7.34
CA GLY A 98 -0.64 4.26 -6.73
C GLY A 98 -1.44 5.03 -7.75
N GLY A 99 -2.35 5.85 -7.25
CA GLY A 99 -3.16 6.65 -8.07
C GLY A 99 -4.61 6.14 -8.09
N ARG A 100 -5.50 6.97 -8.60
CA ARG A 100 -6.88 6.61 -8.83
C ARG A 100 -6.97 5.84 -10.14
N VAL A 101 -7.66 4.72 -10.15
CA VAL A 101 -7.63 3.79 -11.28
C VAL A 101 -9.04 3.40 -11.69
N ASN A 102 -9.29 3.39 -12.99
CA ASN A 102 -10.50 2.79 -13.53
C ASN A 102 -10.17 1.34 -13.91
N PRO A 103 -10.53 0.38 -13.03
CA PRO A 103 -10.19 -1.02 -13.31
C PRO A 103 -10.92 -1.60 -14.49
N ARG A 104 -12.10 -1.10 -14.80
CA ARG A 104 -12.83 -1.77 -15.86
C ARG A 104 -12.10 -1.43 -17.16
N GLU A 105 -11.59 -0.21 -17.29
CA GLU A 105 -10.92 0.14 -18.51
C GLU A 105 -9.39 -0.03 -18.46
N GLY A 106 -8.83 -0.38 -17.33
CA GLY A 106 -7.38 -0.53 -17.15
C GLY A 106 -6.59 0.75 -17.36
N ILE A 107 -7.09 1.83 -16.82
CA ILE A 107 -6.61 3.23 -17.01
C ILE A 107 -6.26 3.89 -15.66
N VAL A 108 -5.02 4.40 -15.53
CA VAL A 108 -4.70 5.25 -14.39
C VAL A 108 -5.25 6.62 -14.64
N LEU A 109 -6.13 7.12 -13.78
CA LEU A 109 -6.82 8.35 -14.04
C LEU A 109 -6.01 9.54 -13.55
N HIS A 110 -5.55 9.52 -12.31
CA HIS A 110 -4.89 10.67 -11.67
C HIS A 110 -4.01 10.14 -10.54
N SER A 111 -2.83 10.74 -10.42
CA SER A 111 -1.86 10.39 -9.38
C SER A 111 -1.41 11.61 -8.66
N THR A 112 -1.22 11.51 -7.32
CA THR A 112 -0.45 12.53 -6.62
C THR A 112 1.00 12.49 -7.15
N LYS A 113 1.77 13.51 -6.79
CA LYS A 113 3.15 13.66 -7.27
C LYS A 113 4.06 12.57 -6.75
N LEU A 114 3.53 11.69 -5.91
CA LEU A 114 4.37 10.53 -5.54
C LEU A 114 4.72 9.72 -6.76
N ILE A 115 3.85 9.70 -7.74
CA ILE A 115 4.21 9.14 -9.05
C ILE A 115 3.91 10.21 -10.10
N GLN A 116 4.96 10.85 -10.60
CA GLN A 116 4.80 11.94 -11.51
C GLN A 116 4.49 11.43 -12.89
N GLU A 117 3.82 12.26 -13.67
CA GLU A 117 3.50 11.91 -15.06
C GLU A 117 2.74 10.59 -15.15
N TRP A 118 1.63 10.50 -14.46
CA TRP A 118 0.88 9.26 -14.34
C TRP A 118 -0.62 9.58 -14.17
N ASN A 119 -1.14 10.13 -15.27
CA ASN A 119 -2.50 10.67 -15.47
C ASN A 119 -3.04 10.21 -16.84
N SER A 120 -4.28 9.76 -16.87
N SER A 120 -4.30 9.79 -16.87
CA SER A 120 -4.95 9.32 -18.10
CA SER A 120 -4.95 9.37 -18.11
C SER A 120 -4.10 8.33 -18.87
C SER A 120 -4.10 8.34 -18.87
N VAL A 121 -3.51 7.40 -18.15
CA VAL A 121 -2.63 6.40 -18.74
C VAL A 121 -3.34 5.05 -18.91
N ASP A 122 -3.45 4.63 -20.17
CA ASP A 122 -3.95 3.31 -20.54
C ASP A 122 -2.86 2.29 -20.39
N LEU A 123 -2.94 1.51 -19.32
CA LEU A 123 -1.97 0.45 -19.11
C LEU A 123 -2.32 -0.86 -19.77
N ARG A 124 -3.61 -1.15 -19.91
CA ARG A 124 -4.04 -2.42 -20.51
C ARG A 124 -3.55 -2.61 -21.93
N THR A 125 -3.76 -1.61 -22.78
CA THR A 125 -3.41 -1.76 -24.20
C THR A 125 -1.93 -2.11 -24.42
N PRO A 126 -1.00 -1.28 -23.87
CA PRO A 126 0.39 -1.60 -24.17
C PRO A 126 0.86 -2.92 -23.58
N LEU A 127 0.41 -3.28 -22.39
CA LEU A 127 0.82 -4.54 -21.79
C LEU A 127 0.21 -5.73 -22.51
N SER A 128 -1.06 -5.63 -22.88
N SER A 128 -1.06 -5.62 -22.86
CA SER A 128 -1.70 -6.75 -23.54
CA SER A 128 -1.74 -6.69 -23.55
C SER A 128 -1.16 -6.91 -24.99
C SER A 128 -1.16 -6.89 -24.98
N ASP A 129 -0.87 -5.80 -25.68
CA ASP A 129 -0.30 -5.90 -27.04
C ASP A 129 1.11 -6.52 -27.00
N THR A 130 1.91 -6.16 -26.02
CA THR A 130 3.29 -6.62 -25.93
C THR A 130 3.35 -8.07 -25.45
N LEU A 131 2.58 -8.39 -24.39
CA LEU A 131 2.70 -9.73 -23.74
C LEU A 131 1.69 -10.74 -24.24
N HIS A 132 0.66 -10.28 -24.93
CA HIS A 132 -0.44 -11.11 -25.35
C HIS A 132 -1.11 -11.83 -24.18
N LEU A 133 -1.46 -11.05 -23.17
CA LEU A 133 -2.11 -11.53 -21.99
C LEU A 133 -3.16 -10.56 -21.57
N PRO A 134 -4.15 -11.07 -20.85
CA PRO A 134 -5.15 -10.17 -20.29
C PRO A 134 -4.55 -9.39 -19.14
N VAL A 135 -5.00 -8.14 -18.97
CA VAL A 135 -4.43 -7.24 -18.01
C VAL A 135 -5.50 -6.66 -17.10
N TRP A 136 -5.27 -6.80 -15.80
CA TRP A 136 -6.03 -6.13 -14.76
C TRP A 136 -5.21 -5.02 -14.08
N VAL A 137 -5.89 -3.96 -13.67
CA VAL A 137 -5.30 -2.82 -12.99
C VAL A 137 -6.19 -2.31 -11.83
N ASP A 138 -5.57 -2.00 -10.69
CA ASP A 138 -6.27 -1.37 -9.56
C ASP A 138 -5.32 -0.59 -8.73
N ASN A 139 -5.86 0.30 -7.89
CA ASN A 139 -5.02 0.98 -6.90
C ASN A 139 -4.28 -0.01 -5.97
N ASP A 140 -3.09 0.36 -5.50
CA ASP A 140 -2.27 -0.52 -4.71
C ASP A 140 -2.89 -0.87 -3.34
N GLY A 141 -3.55 0.10 -2.73
CA GLY A 141 -4.29 -0.17 -1.47
C GLY A 141 -5.48 -1.11 -1.72
N ASN A 142 -6.17 -0.94 -2.87
CA ASN A 142 -7.24 -1.88 -3.18
C ASN A 142 -6.67 -3.31 -3.45
N CYS A 143 -5.56 -3.41 -4.17
CA CYS A 143 -4.86 -4.68 -4.27
C CYS A 143 -4.51 -5.26 -2.94
N ALA A 144 -3.96 -4.47 -2.00
CA ALA A 144 -3.63 -5.00 -0.66
C ALA A 144 -4.89 -5.66 -0.08
N ALA A 145 -6.05 -5.00 -0.20
CA ALA A 145 -7.30 -5.61 0.28
C ALA A 145 -7.63 -6.97 -0.38
N LEU A 146 -7.50 -7.03 -1.71
CA LEU A 146 -7.70 -8.25 -2.43
C LEU A 146 -6.78 -9.38 -1.95
N ALA A 147 -5.56 -9.05 -1.61
CA ALA A 147 -4.59 -10.04 -1.09
C ALA A 147 -5.03 -10.52 0.26
N GLU A 148 -5.46 -9.59 1.12
CA GLU A 148 -5.89 -10.01 2.44
C GLU A 148 -7.15 -10.86 2.36
N ARG A 149 -8.02 -10.58 1.39
CA ARG A 149 -9.27 -11.38 1.23
C ARG A 149 -8.99 -12.83 0.73
N LYS A 150 -8.03 -12.99 -0.18
CA LYS A 150 -7.74 -14.30 -0.78
C LYS A 150 -6.71 -15.11 0.03
N PHE A 151 -5.61 -14.51 0.44
CA PHE A 151 -4.49 -15.21 1.11
C PHE A 151 -4.30 -14.87 2.60
N GLY A 152 -4.90 -13.76 3.10
CA GLY A 152 -4.66 -13.27 4.45
C GLY A 152 -5.79 -13.31 5.43
N GLN A 153 -5.76 -12.40 6.40
CA GLN A 153 -6.68 -12.48 7.51
C GLN A 153 -8.05 -11.90 7.16
N GLY A 154 -8.21 -11.34 5.98
CA GLY A 154 -9.57 -10.99 5.47
C GLY A 154 -10.39 -12.10 4.83
N LYS A 155 -9.83 -13.30 4.73
CA LYS A 155 -10.51 -14.41 4.08
C LYS A 155 -11.86 -14.74 4.74
N GLY A 156 -12.91 -14.83 3.91
CA GLY A 156 -14.24 -15.16 4.42
C GLY A 156 -14.97 -14.00 5.13
N LEU A 157 -14.39 -12.80 5.21
CA LEU A 157 -15.00 -11.73 6.02
C LEU A 157 -15.86 -10.83 5.13
N GLU A 158 -17.01 -10.41 5.65
N GLU A 158 -17.00 -10.44 5.67
CA GLU A 158 -17.96 -9.55 4.91
CA GLU A 158 -17.91 -9.59 4.93
C GLU A 158 -17.41 -8.11 4.79
C GLU A 158 -17.36 -8.19 4.87
N ASN A 159 -16.71 -7.69 5.92
N ASN A 159 -16.87 -7.57 5.89
CA ASN A 159 -16.23 -6.35 5.82
CA ASN A 159 -16.49 -6.12 6.03
C ASN A 159 -15.01 -6.18 6.63
C ASN A 159 -15.14 -5.83 6.74
N PHE A 160 -14.05 -5.56 5.99
CA PHE A 160 -12.80 -5.25 6.63
C PHE A 160 -12.16 -4.12 5.83
N VAL A 161 -11.17 -3.49 6.44
CA VAL A 161 -10.40 -2.40 5.84
C VAL A 161 -8.93 -2.69 6.05
N THR A 162 -8.12 -2.31 5.10
CA THR A 162 -6.70 -2.41 5.26
C THR A 162 -6.05 -1.06 5.04
N LEU A 163 -5.02 -0.77 5.80
CA LEU A 163 -4.23 0.43 5.60
C LEU A 163 -2.80 0.00 5.42
N ILE A 164 -2.20 0.41 4.31
CA ILE A 164 -0.87 -0.04 3.97
C ILE A 164 0.09 1.14 4.02
N THR A 165 1.08 1.03 4.91
CA THR A 165 2.10 2.06 5.05
C THR A 165 3.34 1.69 4.21
N GLY A 166 3.71 2.56 3.33
CA GLY A 166 4.92 2.42 2.54
C GLY A 166 5.48 3.82 2.46
N THR A 167 5.83 4.22 1.25
CA THR A 167 6.18 5.62 0.99
C THR A 167 5.05 6.58 1.39
N GLY A 168 3.84 6.25 0.95
CA GLY A 168 2.63 6.98 1.29
C GLY A 168 1.81 5.98 2.11
N ILE A 169 0.55 6.32 2.38
CA ILE A 169 -0.37 5.38 3.02
C ILE A 169 -1.51 5.07 2.04
N GLY A 170 -1.68 3.78 1.74
CA GLY A 170 -2.78 3.29 0.94
C GLY A 170 -3.90 2.68 1.78
N GLY A 171 -5.06 2.56 1.19
CA GLY A 171 -6.21 1.93 1.80
C GLY A 171 -6.98 1.05 0.82
N GLY A 172 -7.76 0.13 1.39
CA GLY A 172 -8.66 -0.68 0.65
C GLY A 172 -9.77 -1.09 1.53
N ILE A 173 -10.98 -1.10 1.00
CA ILE A 173 -12.17 -1.34 1.79
C ILE A 173 -12.94 -2.49 1.15
N ILE A 174 -13.20 -3.53 1.94
CA ILE A 174 -14.09 -4.61 1.58
C ILE A 174 -15.39 -4.47 2.35
N HIS A 175 -16.51 -4.49 1.63
CA HIS A 175 -17.81 -4.37 2.19
C HIS A 175 -18.74 -5.35 1.46
N GLN A 176 -19.51 -6.13 2.19
CA GLN A 176 -20.16 -7.29 1.56
C GLN A 176 -19.25 -8.16 0.70
N HIS A 177 -18.03 -8.44 1.19
N HIS A 177 -18.06 -8.47 1.25
CA HIS A 177 -17.09 -9.33 0.49
CA HIS A 177 -17.02 -9.26 0.57
C HIS A 177 -16.39 -8.74 -0.75
C HIS A 177 -16.59 -8.81 -0.83
N GLU A 178 -16.73 -7.51 -1.13
CA GLU A 178 -16.22 -6.95 -2.40
C GLU A 178 -15.60 -5.57 -2.15
N LEU A 179 -14.73 -5.10 -3.05
CA LEU A 179 -14.12 -3.79 -2.91
C LEU A 179 -15.15 -2.70 -3.05
N ILE A 180 -15.00 -1.61 -2.31
CA ILE A 180 -15.72 -0.39 -2.61
C ILE A 180 -14.77 0.47 -3.46
N HIS A 181 -15.17 0.82 -4.69
CA HIS A 181 -14.34 1.63 -5.56
C HIS A 181 -14.84 3.08 -5.53
N GLY A 182 -16.12 3.31 -5.28
CA GLY A 182 -16.59 4.69 -5.16
C GLY A 182 -17.22 5.13 -6.47
N SER A 183 -17.99 6.20 -6.41
CA SER A 183 -18.67 6.68 -7.60
C SER A 183 -17.68 7.29 -8.66
N SER A 184 -16.44 7.59 -8.28
CA SER A 184 -15.47 8.07 -9.25
C SER A 184 -14.11 7.46 -9.02
N PHE A 185 -14.08 6.24 -8.51
CA PHE A 185 -12.85 5.44 -8.27
C PHE A 185 -11.90 6.01 -7.28
N CYS A 186 -12.45 6.76 -6.33
CA CYS A 186 -11.66 7.41 -5.33
C CYS A 186 -12.00 6.91 -3.91
N ALA A 187 -12.75 5.83 -3.78
CA ALA A 187 -13.00 5.27 -2.47
C ALA A 187 -11.66 4.74 -1.90
N ALA A 188 -11.55 4.71 -0.58
CA ALA A 188 -10.41 4.12 0.09
C ALA A 188 -9.05 4.81 -0.18
N GLU A 189 -9.08 6.12 -0.40
CA GLU A 189 -7.83 6.91 -0.43
C GLU A 189 -7.54 7.35 1.01
N LEU A 190 -7.32 6.36 1.88
CA LEU A 190 -7.34 6.55 3.30
C LEU A 190 -6.10 7.26 3.82
N GLY A 191 -5.05 7.36 2.99
CA GLY A 191 -3.87 8.15 3.40
C GLY A 191 -4.23 9.63 3.46
N HIS A 192 -5.36 10.00 2.84
CA HIS A 192 -5.76 11.41 2.79
C HIS A 192 -7.02 11.67 3.65
N LEU A 193 -7.20 10.82 4.65
CA LEU A 193 -7.99 11.15 5.83
C LEU A 193 -7.28 12.27 6.54
N VAL A 194 -8.03 13.30 6.98
CA VAL A 194 -7.44 14.48 7.53
C VAL A 194 -7.81 14.51 8.98
N VAL A 195 -6.82 14.71 9.85
CA VAL A 195 -6.97 14.63 11.30
C VAL A 195 -6.39 15.88 11.95
N SER A 196 -6.23 16.95 11.17
CA SER A 196 -5.85 18.26 11.74
C SER A 196 -6.48 19.34 10.93
N LEU A 197 -6.92 20.43 11.59
CA LEU A 197 -7.22 21.65 10.86
C LEU A 197 -6.02 22.34 10.20
N ASP A 198 -4.82 22.07 10.70
CA ASP A 198 -3.57 22.58 10.07
C ASP A 198 -2.70 21.41 9.72
N GLY A 199 -1.65 21.20 10.49
CA GLY A 199 -0.83 20.00 10.40
C GLY A 199 0.13 20.08 9.21
N PRO A 200 0.89 19.03 8.99
CA PRO A 200 1.99 19.06 8.01
C PRO A 200 1.46 18.91 6.59
N ASP A 201 2.23 19.44 5.62
CA ASP A 201 1.82 19.42 4.23
C ASP A 201 1.90 18.02 3.73
N CYS A 202 0.96 17.66 2.88
CA CYS A 202 0.97 16.36 2.24
C CYS A 202 1.37 16.54 0.80
N SER A 203 1.91 15.50 0.21
CA SER A 203 2.27 15.51 -1.22
C SER A 203 1.07 15.58 -2.12
N CYS A 204 -0.11 15.19 -1.62
CA CYS A 204 -1.35 15.39 -2.37
C CYS A 204 -1.74 16.86 -2.59
N GLY A 205 -1.15 17.78 -1.84
CA GLY A 205 -1.49 19.20 -1.92
C GLY A 205 -2.32 19.71 -0.76
N SER A 206 -2.89 18.79 -0.02
CA SER A 206 -3.52 19.19 1.24
C SER A 206 -2.49 19.27 2.41
N HIS A 207 -3.02 19.31 3.62
CA HIS A 207 -2.22 19.26 4.86
C HIS A 207 -3.07 18.60 5.95
N GLY A 208 -2.38 17.96 6.91
CA GLY A 208 -3.07 17.23 7.97
C GLY A 208 -3.51 15.80 7.66
N CYS A 209 -3.24 15.34 6.45
CA CYS A 209 -3.54 13.97 6.05
C CYS A 209 -2.76 13.04 6.90
N ILE A 210 -3.31 11.85 7.17
CA ILE A 210 -2.54 10.90 7.95
C ILE A 210 -1.25 10.52 7.27
N GLU A 211 -1.26 10.46 5.93
CA GLU A 211 -0.03 10.24 5.16
C GLU A 211 1.07 11.27 5.47
N ALA A 212 0.68 12.52 5.70
CA ALA A 212 1.63 13.59 5.93
C ALA A 212 2.21 13.47 7.34
N TYR A 213 1.59 12.67 8.23
CA TYR A 213 2.13 12.43 9.57
C TYR A 213 2.90 11.14 9.65
N ALA A 214 2.43 10.08 8.99
CA ALA A 214 2.81 8.74 9.42
C ALA A 214 3.43 7.86 8.38
N SER A 215 3.46 8.32 7.14
CA SER A 215 3.98 7.50 6.08
C SER A 215 5.47 7.37 6.20
N GLY A 216 6.06 6.49 5.41
CA GLY A 216 7.55 6.37 5.38
C GLY A 216 8.20 7.69 5.00
N MET A 217 7.67 8.38 4.00
N MET A 217 7.64 8.35 3.98
CA MET A 217 8.32 9.63 3.61
CA MET A 217 8.14 9.66 3.52
C MET A 217 8.12 10.73 4.67
C MET A 217 8.10 10.68 4.65
N ALA A 218 7.01 10.69 5.40
CA ALA A 218 6.85 11.69 6.46
C ALA A 218 7.84 11.40 7.59
N LEU A 219 8.07 10.12 7.90
CA LEU A 219 9.00 9.82 9.01
C LEU A 219 10.46 10.06 8.52
N GLN A 220 10.74 9.63 7.29
CA GLN A 220 12.00 10.02 6.62
C GLN A 220 12.29 11.52 6.71
N ARG A 221 11.32 12.38 6.46
CA ARG A 221 11.49 13.84 6.68
C ARG A 221 11.79 14.21 8.14
N GLU A 222 11.02 13.70 9.09
CA GLU A 222 11.26 14.03 10.49
C GLU A 222 12.64 13.54 10.99
N ALA A 223 13.09 12.37 10.50
CA ALA A 223 14.41 11.82 10.82
C ALA A 223 15.54 12.73 10.34
N LYS A 224 15.35 13.32 9.17
CA LYS A 224 16.34 14.23 8.63
C LYS A 224 16.39 15.53 9.42
N LYS A 225 15.20 15.99 9.83
CA LYS A 225 15.05 17.19 10.69
C LYS A 225 15.85 17.07 12.01
N LEU A 226 15.62 15.97 12.72
CA LEU A 226 16.34 15.64 13.94
C LEU A 226 17.81 15.62 13.65
N HIS A 227 18.20 14.79 12.68
CA HIS A 227 19.61 14.63 12.32
C HIS A 227 20.26 15.94 11.86
N ASP A 228 19.48 16.89 11.40
CA ASP A 228 20.01 18.17 11.03
C ASP A 228 20.48 18.82 12.27
N GLU A 229 19.62 18.89 13.26
CA GLU A 229 20.07 19.49 14.52
C GLU A 229 20.97 18.52 15.32
N ASP A 230 21.61 17.57 14.62
CA ASP A 230 22.44 16.51 15.23
C ASP A 230 21.73 15.80 16.41
N LEU A 231 20.41 15.66 16.33
CA LEU A 231 19.57 15.30 17.48
C LEU A 231 18.84 13.94 17.34
N LEU A 232 19.33 13.12 16.41
CA LEU A 232 18.79 11.81 16.09
C LEU A 232 19.61 10.66 16.70
N LEU A 233 20.90 10.62 16.37
CA LEU A 233 21.77 9.50 16.79
C LEU A 233 21.98 9.50 18.29
N VAL A 234 21.88 8.31 18.89
CA VAL A 234 22.10 8.10 20.33
C VAL A 234 23.06 6.88 20.55
N GLU A 235 23.56 6.68 21.78
CA GLU A 235 24.51 5.58 22.03
C GLU A 235 24.06 4.22 21.46
N GLY A 236 24.88 3.66 20.57
CA GLY A 236 24.60 2.38 19.93
C GLY A 236 23.97 2.51 18.54
N MET A 237 24.48 3.43 17.73
CA MET A 237 23.94 3.68 16.41
C MET A 237 25.07 4.24 15.54
N SER A 238 24.86 4.35 14.23
CA SER A 238 25.88 4.90 13.32
C SER A 238 25.34 5.65 12.08
N ALA A 244 21.99 7.67 4.01
CA ALA A 244 20.55 7.57 3.70
C ALA A 244 19.65 7.37 4.93
N VAL A 245 19.56 8.40 5.78
CA VAL A 245 18.70 8.35 6.98
C VAL A 245 17.24 8.13 6.58
N GLY A 246 16.46 7.54 7.47
CA GLY A 246 15.09 7.15 7.14
C GLY A 246 14.27 6.80 8.33
N ALA A 247 13.04 6.35 8.08
CA ALA A 247 12.10 5.90 9.11
C ALA A 247 12.72 4.95 10.15
N LEU A 248 13.40 3.90 9.70
CA LEU A 248 13.87 2.87 10.63
C LEU A 248 14.96 3.42 11.60
N HIS A 249 15.65 4.49 11.20
CA HIS A 249 16.63 5.15 12.08
C HIS A 249 15.92 5.91 13.21
N LEU A 250 14.75 6.44 12.89
CA LEU A 250 13.90 7.11 13.87
C LEU A 250 13.34 6.12 14.86
N ILE A 251 12.79 5.00 14.37
CA ILE A 251 12.29 3.94 15.22
C ILE A 251 13.38 3.31 16.08
N GLN A 252 14.54 3.07 15.49
CA GLN A 252 15.72 2.49 16.15
C GLN A 252 16.28 3.44 17.22
N ALA A 253 16.15 4.75 17.02
CA ALA A 253 16.62 5.74 17.97
C ALA A 253 15.64 5.89 19.13
N ALA A 254 14.35 5.74 18.86
CA ALA A 254 13.35 5.79 19.92
C ALA A 254 13.46 4.59 20.86
N LYS A 255 13.68 3.39 20.29
CA LYS A 255 13.84 2.16 21.08
C LYS A 255 15.01 2.31 22.03
N LEU A 256 16.03 3.05 21.58
CA LEU A 256 17.26 3.26 22.34
C LEU A 256 17.24 4.54 23.20
N GLY A 257 16.04 5.11 23.44
CA GLY A 257 15.86 6.15 24.47
C GLY A 257 15.89 7.63 24.03
N ASN A 258 15.94 7.88 22.73
CA ASN A 258 15.83 9.24 22.21
C ASN A 258 14.42 9.82 22.41
N ALA A 259 14.29 10.84 23.26
CA ALA A 259 12.99 11.36 23.69
C ALA A 259 12.24 12.09 22.61
N LYS A 260 12.96 12.83 21.76
CA LYS A 260 12.31 13.58 20.68
C LYS A 260 11.86 12.70 19.50
N ALA A 261 12.52 11.57 19.31
CA ALA A 261 12.11 10.68 18.24
C ALA A 261 10.89 9.86 18.70
N GLN A 262 10.89 9.42 19.97
CA GLN A 262 9.71 8.82 20.59
C GLN A 262 8.50 9.70 20.43
N SER A 263 8.67 10.99 20.67
CA SER A 263 7.58 11.97 20.59
C SER A 263 7.04 12.07 19.16
N ILE A 264 7.96 12.09 18.21
CA ILE A 264 7.63 12.18 16.81
C ILE A 264 6.87 10.96 16.38
N LEU A 265 7.32 9.78 16.82
CA LEU A 265 6.60 8.56 16.52
C LEU A 265 5.24 8.46 17.24
N ARG A 266 5.14 9.06 18.43
CA ARG A 266 3.85 9.11 19.13
C ARG A 266 2.87 9.97 18.37
N THR A 267 3.32 11.13 17.88
CA THR A 267 2.41 12.02 17.14
C THR A 267 1.96 11.29 15.85
N ALA A 268 2.93 10.74 15.13
CA ALA A 268 2.67 9.95 13.97
C ALA A 268 1.66 8.83 14.17
N GLY A 269 1.90 7.95 15.14
CA GLY A 269 0.97 6.88 15.48
C GLY A 269 -0.40 7.37 15.96
N THR A 270 -0.48 8.48 16.67
CA THR A 270 -1.75 9.04 17.09
C THR A 270 -2.52 9.45 15.88
N ALA A 271 -1.83 10.12 14.94
CA ALA A 271 -2.52 10.55 13.70
C ALA A 271 -3.07 9.36 12.96
N LEU A 272 -2.25 8.31 12.77
CA LEU A 272 -2.73 7.12 12.12
C LEU A 272 -3.93 6.55 12.89
N GLY A 273 -3.82 6.55 14.21
CA GLY A 273 -4.90 5.96 14.99
C GLY A 273 -6.21 6.73 14.81
N LEU A 274 -6.14 8.05 14.72
CA LEU A 274 -7.33 8.87 14.50
C LEU A 274 -7.89 8.63 13.12
N GLY A 275 -7.01 8.33 12.17
CA GLY A 275 -7.48 7.94 10.86
C GLY A 275 -8.25 6.65 11.02
N VAL A 276 -7.77 5.74 11.88
CA VAL A 276 -8.47 4.51 12.03
C VAL A 276 -9.87 4.73 12.70
N VAL A 277 -9.96 5.62 13.69
CA VAL A 277 -11.22 5.97 14.36
C VAL A 277 -12.22 6.45 13.31
N ASN A 278 -11.78 7.29 12.38
N ASN A 278 -11.75 7.35 12.43
CA ASN A 278 -12.70 7.80 11.37
CA ASN A 278 -12.54 7.90 11.32
C ASN A 278 -13.27 6.67 10.55
C ASN A 278 -13.17 6.78 10.47
N ILE A 279 -12.41 5.71 10.23
CA ILE A 279 -12.88 4.56 9.46
C ILE A 279 -13.87 3.78 10.27
N LEU A 280 -13.57 3.57 11.55
CA LEU A 280 -14.50 2.81 12.39
C LEU A 280 -15.87 3.50 12.47
N HIS A 281 -15.85 4.83 12.58
CA HIS A 281 -17.09 5.57 12.75
C HIS A 281 -17.79 5.79 11.42
N THR A 282 -17.09 5.51 10.34
CA THR A 282 -17.67 5.56 9.02
C THR A 282 -18.21 4.22 8.57
N MET A 283 -17.32 3.25 8.38
CA MET A 283 -17.69 1.93 7.85
C MET A 283 -17.94 0.89 8.93
N ASN A 284 -17.36 1.03 10.13
CA ASN A 284 -17.52 0.01 11.23
C ASN A 284 -17.18 -1.44 10.76
N PRO A 285 -15.99 -1.62 10.19
CA PRO A 285 -15.56 -2.96 9.76
C PRO A 285 -15.33 -3.84 10.99
N SER A 286 -15.33 -5.15 10.82
CA SER A 286 -15.05 -6.04 11.93
C SER A 286 -13.55 -6.21 12.15
N LEU A 287 -12.73 -5.82 11.16
CA LEU A 287 -11.27 -6.04 11.20
C LEU A 287 -10.58 -4.88 10.50
N VAL A 288 -9.46 -4.46 11.04
CA VAL A 288 -8.62 -3.52 10.38
C VAL A 288 -7.23 -4.19 10.30
N ILE A 289 -6.71 -4.35 9.07
CA ILE A 289 -5.39 -4.91 8.85
C ILE A 289 -4.36 -3.82 8.49
N LEU A 290 -3.33 -3.69 9.32
CA LEU A 290 -2.27 -2.75 9.04
C LEU A 290 -1.15 -3.56 8.36
N SER A 291 -0.63 -3.08 7.25
CA SER A 291 0.53 -3.72 6.60
C SER A 291 1.59 -2.71 6.24
N GLY A 292 2.68 -3.23 5.70
CA GLY A 292 3.85 -2.41 5.36
C GLY A 292 4.80 -2.37 6.54
N VAL A 293 5.99 -1.91 6.29
CA VAL A 293 7.07 -2.13 7.22
C VAL A 293 6.84 -1.39 8.55
N LEU A 294 6.04 -0.30 8.51
CA LEU A 294 5.76 0.46 9.71
C LEU A 294 4.65 -0.15 10.59
N ALA A 295 3.89 -1.09 10.04
CA ALA A 295 2.71 -1.67 10.73
C ALA A 295 2.96 -2.12 12.18
N SER A 296 4.03 -2.89 12.39
CA SER A 296 4.37 -3.41 13.70
C SER A 296 4.69 -2.35 14.68
N HIS A 297 5.21 -1.23 14.16
CA HIS A 297 5.65 -0.15 15.02
C HIS A 297 4.44 0.68 15.45
N TYR A 298 3.41 0.73 14.61
CA TYR A 298 2.22 1.54 14.90
C TYR A 298 1.08 0.84 15.63
N ILE A 299 1.00 -0.48 15.52
CA ILE A 299 -0.17 -1.16 16.00
C ILE A 299 -0.60 -0.86 17.47
N HIS A 300 0.34 -0.76 18.39
N HIS A 300 0.34 -0.81 18.43
CA HIS A 300 0.02 -0.65 19.78
CA HIS A 300 0.02 -0.59 19.83
C HIS A 300 -0.54 0.73 20.09
C HIS A 300 -0.69 0.72 19.95
N ILE A 301 -0.08 1.75 19.36
CA ILE A 301 -0.59 3.10 19.54
C ILE A 301 -1.93 3.24 18.91
N VAL A 302 -2.13 2.63 17.74
CA VAL A 302 -3.43 2.67 17.12
C VAL A 302 -4.52 2.06 18.04
N LYS A 303 -4.20 0.92 18.64
CA LYS A 303 -5.15 0.30 19.56
C LYS A 303 -5.37 1.18 20.75
N ASP A 304 -4.33 1.83 21.27
CA ASP A 304 -4.55 2.81 22.37
C ASP A 304 -5.44 3.94 21.97
N VAL A 305 -5.23 4.54 20.80
CA VAL A 305 -6.09 5.65 20.38
C VAL A 305 -7.55 5.21 20.22
N ILE A 306 -7.78 4.05 19.62
CA ILE A 306 -9.16 3.52 19.52
C ILE A 306 -9.79 3.38 20.92
N ARG A 307 -9.05 2.78 21.86
CA ARG A 307 -9.54 2.56 23.20
C ARG A 307 -9.87 3.87 23.87
N GLN A 308 -9.05 4.89 23.65
CA GLN A 308 -9.19 6.11 24.38
C GLN A 308 -10.27 6.98 23.76
N GLN A 309 -10.50 6.91 22.46
CA GLN A 309 -11.33 7.90 21.75
C GLN A 309 -12.55 7.39 20.94
N ALA A 310 -12.55 6.12 20.50
CA ALA A 310 -13.65 5.60 19.61
C ALA A 310 -14.85 5.27 20.45
N LEU A 311 -16.02 5.21 19.81
CA LEU A 311 -17.24 4.84 20.51
C LEU A 311 -17.18 3.39 21.06
N SER A 312 -17.92 3.16 22.13
N SER A 312 -17.94 3.16 22.11
CA SER A 312 -17.89 1.87 22.78
CA SER A 312 -17.93 1.90 22.80
C SER A 312 -18.21 0.78 21.77
C SER A 312 -18.33 0.74 21.88
N SER A 313 -19.19 1.03 20.91
CA SER A 313 -19.70 -0.01 20.01
C SER A 313 -18.69 -0.48 18.96
N VAL A 314 -17.58 0.24 18.74
CA VAL A 314 -16.50 -0.23 17.84
C VAL A 314 -15.30 -0.81 18.59
N GLN A 315 -15.38 -0.88 19.91
CA GLN A 315 -14.26 -1.38 20.73
C GLN A 315 -13.98 -2.86 20.48
N ASP A 316 -14.93 -3.63 19.99
CA ASP A 316 -14.67 -5.04 19.63
C ASP A 316 -13.96 -5.23 18.28
N VAL A 317 -13.61 -4.14 17.59
CA VAL A 317 -12.91 -4.25 16.34
C VAL A 317 -11.60 -5.01 16.55
N ASP A 318 -11.30 -5.93 15.64
CA ASP A 318 -9.95 -6.56 15.62
C ASP A 318 -9.00 -5.72 14.78
N VAL A 319 -7.82 -5.42 15.30
CA VAL A 319 -6.76 -4.69 14.62
C VAL A 319 -5.54 -5.58 14.66
N VAL A 320 -5.07 -5.96 13.50
CA VAL A 320 -3.94 -6.85 13.37
C VAL A 320 -2.90 -6.30 12.37
N VAL A 321 -1.68 -6.83 12.47
CA VAL A 321 -0.67 -6.66 11.46
C VAL A 321 -0.83 -7.78 10.45
N SER A 322 -0.69 -7.45 9.15
CA SER A 322 -0.78 -8.41 8.10
C SER A 322 0.25 -9.53 8.25
N ASP A 323 -0.18 -10.75 7.93
CA ASP A 323 0.76 -11.89 7.87
C ASP A 323 1.32 -12.09 6.47
N LEU A 324 1.03 -11.21 5.50
CA LEU A 324 1.57 -11.35 4.14
C LEU A 324 2.82 -10.51 3.86
N VAL A 325 3.70 -11.03 3.03
CA VAL A 325 5.00 -10.37 2.83
C VAL A 325 4.86 -9.16 1.93
N ASP A 326 3.94 -9.21 0.96
CA ASP A 326 3.80 -8.09 0.02
C ASP A 326 2.36 -8.04 -0.47
N PRO A 327 1.46 -7.44 0.31
CA PRO A 327 0.06 -7.46 -0.01
C PRO A 327 -0.25 -6.89 -1.41
N ALA A 328 0.41 -5.80 -1.80
CA ALA A 328 0.07 -5.15 -3.05
C ALA A 328 0.34 -6.07 -4.21
N LEU A 329 1.51 -6.68 -4.20
CA LEU A 329 1.93 -7.54 -5.25
C LEU A 329 1.09 -8.84 -5.33
N LEU A 330 0.77 -9.37 -4.17
CA LEU A 330 -0.04 -10.57 -4.07
C LEU A 330 -1.49 -10.27 -4.53
N GLY A 331 -1.96 -9.07 -4.21
CA GLY A 331 -3.25 -8.58 -4.64
C GLY A 331 -3.39 -8.38 -6.15
N ALA A 332 -2.35 -7.82 -6.76
CA ALA A 332 -2.26 -7.71 -8.21
C ALA A 332 -2.37 -9.12 -8.81
N ALA A 333 -1.67 -10.08 -8.22
CA ALA A 333 -1.73 -11.45 -8.72
C ALA A 333 -3.11 -11.99 -8.52
N SER A 334 -3.74 -11.67 -7.38
CA SER A 334 -5.08 -12.26 -7.11
C SER A 334 -6.15 -11.84 -8.14
N MET A 335 -5.99 -10.65 -8.76
CA MET A 335 -6.95 -10.25 -9.82
C MET A 335 -6.86 -11.25 -10.95
N VAL A 336 -5.65 -11.62 -11.33
CA VAL A 336 -5.47 -12.59 -12.40
C VAL A 336 -6.00 -13.95 -11.94
N LEU A 337 -5.63 -14.35 -10.73
CA LEU A 337 -5.87 -15.76 -10.31
C LEU A 337 -7.36 -15.98 -10.18
N ASP A 338 -8.07 -14.98 -9.66
CA ASP A 338 -9.50 -15.10 -9.42
C ASP A 338 -10.38 -14.86 -10.66
N TYR A 339 -9.91 -14.13 -11.66
CA TYR A 339 -10.84 -13.62 -12.70
C TYR A 339 -10.54 -14.06 -14.10
N THR A 340 -9.38 -14.66 -14.29
CA THR A 340 -8.99 -15.28 -15.54
C THR A 340 -9.87 -16.55 -15.72
#